data_5NPH
#
_entry.id   5NPH
#
_cell.length_a   48.678
_cell.length_b   80.717
_cell.length_c   54.565
_cell.angle_alpha   90.00
_cell.angle_beta   95.64
_cell.angle_gamma   90.00
#
_symmetry.space_group_name_H-M   'P 1 21 1'
#
loop_
_entity.id
_entity.type
_entity.pdbx_description
1 polymer 'Genome polyprotein'
2 polymer 'Heavy chain of Fab fragment derived from non-neutralizing antibody DAO5'
3 polymer 'Light chain of Fab fragment derived from non-neutralizing antibody DAO5'
4 water water
#
loop_
_entity_poly.entity_id
_entity_poly.type
_entity_poly.pdbx_seq_one_letter_code
_entity_poly.pdbx_strand_id
1 'polypeptide(L)' WGENETDVMLLN A
2 'polypeptide(L)'
;EVQLQQSGPELVKPGASLKISCKTSGYTFTDFTFHWVKLSHGPSLEWIGTIKPSNGDTAYNQKFKGKATLSVDKSASTAH
IEFRSLTSEDSAVYFCARFGGSYPYAMDYWGQGTSVIVSSAKTTPPSVYPLAPGSAAQTNSMVTLGCLVKGYFPEPVTVT
WNSGSLSSGVHTFPAVLQSDLYTLSSSVTVPSSTWPSETVTCNVAHPASSTKVDKKIVPRDCGLEDDDDKAGWSHPQFEK
GGGSGGGSGGGSWSHPQFEK
;
H
3 'polypeptide(L)'
;RSDIVLTQSPATLSVTPGDRVSLSCRASQGIYNYVHWFQQKSHESPRLLIKYASQSISGIPSRFSGSGSGTDFTLSINSV
ESEDFGMYFCQQTNKWPLTFGAGTKLELKRADAAPTVSIFPPSSEQLTSGGASVVCFLNNFYPKDINVKWKIDGSERQNG
VLNSWTDQDSKDSTYSMSSTLTLTKDEYERHNSYTCEATHKTSTSPIVKSFNRNEC
;
L
#
# COMPACT_ATOMS: atom_id res chain seq x y z
N ASN A 4 -20.35 9.05 25.64
CA ASN A 4 -21.44 9.02 24.66
C ASN A 4 -21.61 10.36 23.90
N GLU A 5 -20.55 11.20 23.86
CA GLU A 5 -20.56 12.52 23.19
C GLU A 5 -20.85 12.48 21.68
N THR A 6 -20.71 11.32 21.03
CA THR A 6 -20.94 11.22 19.58
C THR A 6 -22.37 10.78 19.19
N ASP A 7 -23.21 10.31 20.14
CA ASP A 7 -24.53 9.81 19.79
C ASP A 7 -25.46 10.80 19.14
N VAL A 8 -25.43 12.07 19.63
CA VAL A 8 -26.28 13.16 19.13
C VAL A 8 -26.08 13.30 17.63
N MET A 9 -24.81 13.28 17.22
CA MET A 9 -24.50 13.40 15.80
C MET A 9 -24.70 12.10 15.03
N LEU A 10 -24.13 10.97 15.53
CA LEU A 10 -24.13 9.75 14.72
C LEU A 10 -25.40 8.92 14.75
N LEU A 11 -26.11 8.88 15.90
CA LEU A 11 -27.25 7.98 16.04
C LEU A 11 -28.61 8.64 16.12
N ASN A 12 -28.66 9.96 16.35
CA ASN A 12 -29.97 10.61 16.49
C ASN A 12 -30.10 11.87 15.65
N GLU B 1 -29.82 -1.31 -4.50
CA GLU B 1 -28.67 -1.53 -3.65
C GLU B 1 -27.99 -0.18 -3.34
N VAL B 2 -27.56 -0.02 -2.08
CA VAL B 2 -26.88 1.20 -1.62
C VAL B 2 -25.54 1.25 -2.36
N GLN B 3 -25.22 2.39 -2.98
CA GLN B 3 -23.93 2.58 -3.64
C GLN B 3 -23.42 3.97 -3.35
N LEU B 4 -22.13 4.03 -2.98
CA LEU B 4 -21.38 5.27 -2.80
C LEU B 4 -20.35 5.26 -3.91
N GLN B 5 -20.48 6.23 -4.82
CA GLN B 5 -19.61 6.32 -5.97
C GLN B 5 -18.77 7.59 -5.88
N GLN B 6 -17.44 7.40 -5.81
CA GLN B 6 -16.52 8.54 -5.73
C GLN B 6 -15.98 8.99 -7.06
N SER B 7 -15.53 10.25 -7.15
CA SER B 7 -14.95 10.77 -8.40
C SER B 7 -13.60 10.09 -8.68
N GLY B 8 -13.09 10.25 -9.90
CA GLY B 8 -11.90 9.54 -10.36
C GLY B 8 -10.57 9.95 -9.77
N PRO B 9 -9.49 9.19 -10.11
CA PRO B 9 -8.15 9.54 -9.59
C PRO B 9 -7.76 10.94 -9.99
N GLU B 10 -7.01 11.61 -9.12
CA GLU B 10 -6.60 13.00 -9.31
C GLU B 10 -5.10 13.16 -9.35
N LEU B 11 -4.61 13.95 -10.33
CA LEU B 11 -3.18 14.24 -10.45
C LEU B 11 -3.14 15.77 -10.39
N VAL B 12 -2.74 16.31 -9.22
CA VAL B 12 -2.82 17.75 -8.93
C VAL B 12 -1.49 18.36 -8.57
N LYS B 13 -1.36 19.67 -8.74
CA LYS B 13 -0.10 20.35 -8.50
C LYS B 13 0.07 20.82 -7.06
N PRO B 14 1.31 20.88 -6.49
CA PRO B 14 1.49 21.43 -5.14
C PRO B 14 0.89 22.82 -5.02
N GLY B 15 0.20 23.04 -3.92
CA GLY B 15 -0.45 24.28 -3.53
C GLY B 15 -1.86 24.45 -4.05
N ALA B 16 -2.31 23.51 -4.91
CA ALA B 16 -3.65 23.59 -5.47
C ALA B 16 -4.73 23.24 -4.47
N SER B 17 -5.97 23.56 -4.85
CA SER B 17 -7.17 23.15 -4.11
C SER B 17 -7.82 22.10 -4.98
N LEU B 18 -8.47 21.12 -4.35
CA LEU B 18 -9.14 20.03 -5.05
C LEU B 18 -10.42 19.72 -4.32
N LYS B 19 -11.50 19.39 -5.07
CA LYS B 19 -12.74 18.96 -4.45
C LYS B 19 -13.01 17.54 -4.97
N ILE B 20 -13.28 16.59 -4.06
CA ILE B 20 -13.60 15.25 -4.53
C ILE B 20 -14.99 14.91 -4.06
N SER B 21 -15.70 14.12 -4.85
CA SER B 21 -17.11 13.83 -4.63
C SER B 21 -17.44 12.37 -4.26
N CYS B 22 -18.60 12.20 -3.61
CA CYS B 22 -19.10 10.91 -3.14
C CYS B 22 -20.60 10.96 -3.39
N LYS B 23 -21.00 10.39 -4.53
CA LYS B 23 -22.38 10.42 -5.04
C LYS B 23 -23.11 9.14 -4.66
N THR B 24 -24.27 9.26 -3.99
CA THR B 24 -25.04 8.09 -3.53
C THR B 24 -26.18 7.76 -4.43
N SER B 25 -26.61 6.51 -4.37
CA SER B 25 -27.78 5.99 -5.09
C SER B 25 -28.34 4.84 -4.25
N GLY B 26 -29.62 4.54 -4.45
CA GLY B 26 -30.26 3.40 -3.80
C GLY B 26 -30.82 3.61 -2.41
N TYR B 27 -30.64 4.80 -1.83
CA TYR B 27 -31.18 5.14 -0.50
C TYR B 27 -31.33 6.66 -0.35
N THR B 28 -31.91 7.11 0.77
CA THR B 28 -32.07 8.56 0.99
C THR B 28 -30.79 9.11 1.60
N PHE B 29 -30.07 9.90 0.83
CA PHE B 29 -28.78 10.55 1.14
C PHE B 29 -28.75 11.23 2.50
N THR B 30 -29.83 11.93 2.85
CA THR B 30 -29.86 12.68 4.10
C THR B 30 -30.10 11.81 5.33
N ASP B 31 -30.26 10.47 5.17
CA ASP B 31 -30.52 9.64 6.37
C ASP B 31 -29.35 9.59 7.37
N PHE B 32 -28.11 9.46 6.84
CA PHE B 32 -26.95 9.17 7.68
C PHE B 32 -25.75 10.08 7.49
N THR B 33 -24.96 10.23 8.53
CA THR B 33 -23.73 11.02 8.48
C THR B 33 -22.73 10.42 7.48
N PHE B 34 -22.00 11.30 6.80
CA PHE B 34 -20.95 10.87 5.86
C PHE B 34 -19.63 11.08 6.54
N HIS B 35 -18.67 10.20 6.27
CA HIS B 35 -17.33 10.26 6.89
C HIS B 35 -16.28 10.14 5.82
N TRP B 36 -15.15 10.79 6.03
CA TRP B 36 -14.03 10.72 5.08
C TRP B 36 -12.84 10.16 5.80
N VAL B 37 -12.15 9.23 5.11
CA VAL B 37 -11.05 8.45 5.67
C VAL B 37 -9.87 8.51 4.69
N LYS B 38 -8.65 8.68 5.22
CA LYS B 38 -7.42 8.75 4.44
C LYS B 38 -6.65 7.43 4.65
N LEU B 39 -6.35 6.78 3.54
CA LEU B 39 -5.59 5.54 3.55
C LEU B 39 -4.19 5.93 3.06
N SER B 40 -3.18 5.78 3.93
CA SER B 40 -1.81 6.12 3.59
C SER B 40 -0.91 4.87 3.75
N HIS B 41 0.38 4.98 3.38
CA HIS B 41 1.32 3.85 3.45
C HIS B 41 1.36 3.23 4.85
N GLY B 42 1.48 1.91 4.89
CA GLY B 42 1.52 1.14 6.13
C GLY B 42 0.96 -0.25 5.93
N PRO B 43 -0.34 -0.42 5.56
CA PRO B 43 -1.36 0.65 5.38
C PRO B 43 -1.83 1.26 6.69
N SER B 44 -2.31 2.51 6.61
CA SER B 44 -2.73 3.30 7.75
C SER B 44 -4.06 3.95 7.41
N LEU B 45 -5.04 3.89 8.32
CA LEU B 45 -6.31 4.57 8.14
C LEU B 45 -6.41 5.74 9.12
N GLU B 46 -6.85 6.92 8.64
CA GLU B 46 -7.10 8.07 9.52
C GLU B 46 -8.50 8.58 9.25
N TRP B 47 -9.20 9.01 10.29
CA TRP B 47 -10.54 9.57 10.12
C TRP B 47 -10.34 11.11 9.97
N ILE B 48 -10.91 11.74 8.93
CA ILE B 48 -10.76 13.18 8.70
C ILE B 48 -11.88 13.96 9.38
N GLY B 49 -13.12 13.49 9.21
CA GLY B 49 -14.25 14.20 9.80
C GLY B 49 -15.56 13.65 9.28
N THR B 50 -16.65 14.17 9.79
CA THR B 50 -17.99 13.74 9.41
C THR B 50 -18.88 14.96 9.22
N ILE B 51 -19.85 14.81 8.35
CA ILE B 51 -20.91 15.79 8.13
C ILE B 51 -22.28 15.13 8.25
N LYS B 52 -23.21 15.81 8.91
CA LYS B 52 -24.59 15.30 9.01
C LYS B 52 -25.33 15.95 7.84
N PRO B 53 -25.72 15.16 6.80
CA PRO B 53 -26.33 15.78 5.63
C PRO B 53 -27.67 16.43 5.87
N SER B 54 -28.42 16.00 6.90
CA SER B 54 -29.73 16.60 7.18
C SER B 54 -29.66 18.07 7.63
N ASN B 55 -28.60 18.48 8.35
CA ASN B 55 -28.50 19.85 8.88
C ASN B 55 -27.12 20.56 8.70
N GLY B 56 -26.12 19.86 8.17
CA GLY B 56 -24.82 20.49 7.95
C GLY B 56 -23.92 20.49 9.17
N ASP B 57 -24.32 19.79 10.26
CA ASP B 57 -23.46 19.72 11.44
C ASP B 57 -22.20 18.95 11.07
N THR B 58 -21.07 19.33 11.62
CA THR B 58 -19.82 18.62 11.34
C THR B 58 -19.04 18.33 12.59
N ALA B 59 -18.10 17.39 12.49
CA ALA B 59 -17.06 17.16 13.51
C ALA B 59 -15.83 16.80 12.72
N TYR B 60 -14.71 17.44 13.07
CA TYR B 60 -13.44 17.25 12.38
C TYR B 60 -12.37 16.74 13.29
N ASN B 61 -11.43 16.01 12.68
CA ASN B 61 -10.20 15.62 13.34
C ASN B 61 -9.35 16.89 13.20
N GLN B 62 -8.86 17.41 14.35
CA GLN B 62 -8.08 18.66 14.42
C GLN B 62 -6.87 18.67 13.48
N LYS B 63 -6.31 17.47 13.21
CA LYS B 63 -5.16 17.27 12.34
C LYS B 63 -5.46 17.76 10.91
N PHE B 64 -6.73 17.75 10.52
CA PHE B 64 -7.16 18.16 9.17
C PHE B 64 -7.87 19.51 9.14
N LYS B 65 -7.97 20.21 10.30
CA LYS B 65 -8.57 21.55 10.38
C LYS B 65 -7.85 22.47 9.39
N GLY B 66 -8.63 23.11 8.51
CA GLY B 66 -8.13 24.00 7.47
C GLY B 66 -7.87 23.26 6.17
N LYS B 67 -7.09 22.15 6.28
CA LYS B 67 -6.71 21.29 5.16
C LYS B 67 -7.94 20.79 4.47
N ALA B 68 -8.89 20.19 5.24
CA ALA B 68 -10.06 19.59 4.64
C ALA B 68 -11.33 20.26 5.10
N THR B 69 -12.28 20.48 4.17
CA THR B 69 -13.59 21.08 4.48
C THR B 69 -14.66 20.16 3.91
N LEU B 70 -15.66 19.81 4.70
CA LEU B 70 -16.76 18.92 4.28
C LEU B 70 -17.99 19.70 3.88
N SER B 71 -18.75 19.19 2.89
CA SER B 71 -20.01 19.82 2.49
C SER B 71 -20.88 18.76 1.86
N VAL B 72 -22.13 19.10 1.68
CA VAL B 72 -23.04 18.21 0.95
C VAL B 72 -23.82 19.05 -0.03
N ASP B 73 -24.25 18.40 -1.10
CA ASP B 73 -25.10 19.00 -2.11
C ASP B 73 -26.33 18.13 -2.09
N LYS B 74 -27.34 18.54 -1.29
CA LYS B 74 -28.58 17.74 -1.16
C LYS B 74 -29.34 17.63 -2.50
N SER B 75 -29.25 18.65 -3.36
CA SER B 75 -29.92 18.66 -4.67
C SER B 75 -29.47 17.53 -5.60
N ALA B 76 -28.27 17.02 -5.40
CA ALA B 76 -27.68 15.95 -6.19
C ALA B 76 -27.24 14.75 -5.36
N SER B 77 -27.66 14.66 -4.08
CA SER B 77 -27.23 13.58 -3.18
C SER B 77 -25.71 13.30 -3.32
N THR B 78 -24.90 14.37 -3.17
CA THR B 78 -23.45 14.22 -3.33
C THR B 78 -22.72 14.88 -2.15
N ALA B 79 -21.83 14.12 -1.50
CA ALA B 79 -20.97 14.62 -0.43
C ALA B 79 -19.65 15.04 -1.03
N HIS B 80 -19.07 16.12 -0.51
CA HIS B 80 -17.80 16.59 -1.04
C HIS B 80 -16.81 16.83 0.07
N ILE B 81 -15.53 16.66 -0.25
CA ILE B 81 -14.44 17.05 0.62
C ILE B 81 -13.54 17.95 -0.22
N GLU B 82 -13.15 19.11 0.36
CA GLU B 82 -12.30 20.04 -0.37
C GLU B 82 -10.98 20.17 0.35
N PHE B 83 -9.85 20.01 -0.37
CA PHE B 83 -8.51 20.13 0.18
C PHE B 83 -7.91 21.42 -0.29
N ARG B 84 -7.16 22.06 0.59
CA ARG B 84 -6.49 23.31 0.26
C ARG B 84 -5.03 23.21 0.51
N SER B 85 -4.24 23.97 -0.27
CA SER B 85 -2.78 24.02 -0.19
C SER B 85 -2.16 22.61 -0.22
N LEU B 86 -2.51 21.81 -1.23
CA LEU B 86 -2.05 20.43 -1.34
C LEU B 86 -0.53 20.28 -1.36
N THR B 87 -0.04 19.30 -0.62
CA THR B 87 1.38 18.95 -0.59
C THR B 87 1.50 17.44 -0.80
N SER B 88 2.73 16.95 -1.00
CA SER B 88 2.98 15.51 -1.17
C SER B 88 2.46 14.70 0.02
N GLU B 89 2.36 15.31 1.22
CA GLU B 89 1.82 14.66 2.41
C GLU B 89 0.34 14.29 2.20
N ASP B 90 -0.35 15.00 1.30
CA ASP B 90 -1.78 14.75 1.02
C ASP B 90 -1.97 13.68 -0.04
N SER B 91 -0.87 13.22 -0.72
CA SER B 91 -1.02 12.11 -1.67
C SER B 91 -1.45 10.84 -0.89
N ALA B 92 -2.63 10.30 -1.21
CA ALA B 92 -3.22 9.16 -0.51
C ALA B 92 -4.46 8.70 -1.22
N VAL B 93 -5.12 7.63 -0.71
CA VAL B 93 -6.39 7.24 -1.29
C VAL B 93 -7.42 7.73 -0.24
N TYR B 94 -8.45 8.48 -0.67
CA TYR B 94 -9.49 8.99 0.23
C TYR B 94 -10.79 8.23 0.01
N PHE B 95 -11.42 7.76 1.10
CA PHE B 95 -12.68 7.02 1.01
C PHE B 95 -13.77 7.83 1.67
N CYS B 96 -14.99 7.76 1.12
CA CYS B 96 -16.16 8.27 1.83
C CYS B 96 -16.90 7.03 2.34
N ALA B 97 -17.66 7.18 3.43
CA ALA B 97 -18.46 6.09 3.97
C ALA B 97 -19.72 6.75 4.61
N ARG B 98 -20.84 6.03 4.61
CA ARG B 98 -22.03 6.51 5.33
C ARG B 98 -22.02 5.76 6.66
N PHE B 99 -22.71 6.29 7.67
CA PHE B 99 -22.76 5.67 8.98
C PHE B 99 -24.22 5.30 9.25
N GLY B 100 -24.60 4.17 8.66
CA GLY B 100 -25.97 3.72 8.62
C GLY B 100 -26.18 2.25 8.85
N GLY B 101 -27.23 1.72 8.22
CA GLY B 101 -27.64 0.33 8.33
C GLY B 101 -28.67 0.14 9.41
N SER B 102 -28.71 -1.08 9.98
CA SER B 102 -29.61 -1.35 11.09
C SER B 102 -29.14 -0.55 12.32
N TYR B 103 -30.06 -0.20 13.19
CA TYR B 103 -29.74 0.52 14.41
C TYR B 103 -29.03 -0.40 15.40
N PRO B 104 -27.96 -0.02 16.12
CA PRO B 104 -27.22 1.26 16.08
C PRO B 104 -26.28 1.28 14.86
N TYR B 105 -26.17 2.43 14.20
CA TYR B 105 -25.45 2.55 12.94
C TYR B 105 -23.93 2.38 13.04
N ALA B 106 -23.28 2.07 11.90
CA ALA B 106 -21.83 1.95 11.80
C ALA B 106 -21.44 2.23 10.33
N MET B 107 -20.15 2.26 10.03
CA MET B 107 -19.65 2.61 8.68
C MET B 107 -19.84 1.40 7.79
N ASP B 108 -21.07 1.24 7.27
CA ASP B 108 -21.49 0.03 6.58
C ASP B 108 -21.31 0.04 5.09
N TYR B 109 -21.44 1.20 4.46
CA TYR B 109 -21.24 1.32 3.02
C TYR B 109 -20.19 2.35 2.75
N TRP B 110 -19.25 2.00 1.87
CA TRP B 110 -18.09 2.81 1.53
C TRP B 110 -17.98 3.07 0.04
N GLY B 111 -17.40 4.23 -0.31
CA GLY B 111 -17.05 4.53 -1.69
C GLY B 111 -15.90 3.63 -2.10
N GLN B 112 -15.58 3.61 -3.37
CA GLN B 112 -14.50 2.76 -3.89
C GLN B 112 -13.09 3.36 -3.69
N GLY B 113 -13.03 4.59 -3.19
CA GLY B 113 -11.75 5.26 -2.98
C GLY B 113 -11.39 6.15 -4.14
N THR B 114 -10.72 7.26 -3.84
CA THR B 114 -10.21 8.23 -4.81
C THR B 114 -8.73 8.44 -4.54
N SER B 115 -7.88 8.10 -5.52
CA SER B 115 -6.42 8.26 -5.43
C SER B 115 -6.08 9.72 -5.72
N VAL B 116 -5.29 10.38 -4.85
CA VAL B 116 -4.86 11.76 -5.08
C VAL B 116 -3.35 11.76 -5.11
N ILE B 117 -2.73 12.23 -6.24
CA ILE B 117 -1.28 12.32 -6.30
C ILE B 117 -0.93 13.78 -6.48
N VAL B 118 -0.11 14.34 -5.56
CA VAL B 118 0.25 15.76 -5.65
C VAL B 118 1.69 15.82 -6.19
N SER B 119 1.82 16.33 -7.41
CA SER B 119 3.11 16.41 -8.08
C SER B 119 3.11 17.49 -9.14
N SER B 120 4.29 18.02 -9.44
CA SER B 120 4.53 19.02 -10.49
C SER B 120 4.78 18.34 -11.86
N ALA B 121 4.80 17.00 -11.89
CA ALA B 121 5.09 16.23 -13.09
C ALA B 121 4.07 16.34 -14.23
N LYS B 122 4.58 16.18 -15.46
CA LYS B 122 3.82 16.08 -16.67
C LYS B 122 3.96 14.65 -17.16
N THR B 123 3.03 14.21 -18.02
CA THR B 123 3.09 12.87 -18.61
C THR B 123 4.44 12.66 -19.28
N THR B 124 5.11 11.61 -18.85
CA THR B 124 6.45 11.30 -19.35
C THR B 124 6.56 9.81 -19.56
N PRO B 125 7.01 9.35 -20.75
CA PRO B 125 7.16 7.90 -20.98
C PRO B 125 8.32 7.33 -20.18
N PRO B 126 8.29 6.02 -19.85
CA PRO B 126 9.38 5.42 -19.06
C PRO B 126 10.62 5.09 -19.88
N SER B 127 11.78 5.08 -19.23
CA SER B 127 12.98 4.53 -19.84
C SER B 127 13.02 3.10 -19.28
N VAL B 128 13.32 2.09 -20.12
CA VAL B 128 13.29 0.69 -19.66
C VAL B 128 14.68 0.13 -19.82
N TYR B 129 15.34 -0.12 -18.69
CA TYR B 129 16.70 -0.64 -18.67
C TYR B 129 16.80 -2.10 -18.30
N PRO B 130 17.71 -2.83 -18.96
CA PRO B 130 17.86 -4.25 -18.68
C PRO B 130 18.65 -4.48 -17.41
N LEU B 131 18.32 -5.55 -16.70
CA LEU B 131 19.02 -5.95 -15.49
C LEU B 131 19.57 -7.34 -15.78
N ALA B 132 20.88 -7.37 -16.11
CA ALA B 132 21.65 -8.59 -16.41
C ALA B 132 22.79 -8.77 -15.37
N PRO B 133 23.15 -10.02 -14.98
CA PRO B 133 24.21 -10.20 -13.94
C PRO B 133 25.56 -9.58 -14.28
N ASN B 140 25.02 -19.78 -10.27
CA ASN B 140 24.07 -20.50 -9.45
C ASN B 140 23.19 -21.43 -10.26
N SER B 141 22.32 -22.21 -9.58
CA SER B 141 21.35 -23.14 -10.19
C SER B 141 20.21 -22.35 -10.91
N MET B 142 19.91 -21.16 -10.37
CA MET B 142 18.88 -20.27 -10.91
C MET B 142 19.55 -18.93 -11.22
N VAL B 143 19.00 -18.17 -12.17
CA VAL B 143 19.49 -16.82 -12.47
C VAL B 143 18.31 -15.87 -12.39
N THR B 144 18.53 -14.66 -11.85
CA THR B 144 17.50 -13.66 -11.77
C THR B 144 17.86 -12.55 -12.74
N LEU B 145 16.90 -12.14 -13.56
CA LEU B 145 17.08 -11.05 -14.49
C LEU B 145 16.00 -10.03 -14.13
N GLY B 146 16.03 -8.89 -14.78
CA GLY B 146 15.01 -7.90 -14.50
C GLY B 146 14.92 -6.77 -15.48
N CYS B 147 13.99 -5.87 -15.21
CA CYS B 147 13.83 -4.62 -15.95
C CYS B 147 13.65 -3.49 -14.97
N LEU B 148 14.35 -2.38 -15.20
CA LEU B 148 14.27 -1.17 -14.39
C LEU B 148 13.54 -0.13 -15.19
N VAL B 149 12.35 0.28 -14.68
CA VAL B 149 11.45 1.20 -15.37
C VAL B 149 11.51 2.55 -14.67
N LYS B 150 12.21 3.52 -15.25
CA LYS B 150 12.44 4.80 -14.57
C LYS B 150 12.00 6.00 -15.34
N GLY B 151 11.83 7.10 -14.61
CA GLY B 151 11.60 8.43 -15.15
C GLY B 151 10.25 8.66 -15.79
N TYR B 152 9.22 7.96 -15.34
CA TYR B 152 7.89 8.10 -15.93
C TYR B 152 6.82 8.73 -15.06
N PHE B 153 5.75 9.16 -15.69
CA PHE B 153 4.62 9.73 -14.98
C PHE B 153 3.40 9.74 -15.91
N PRO B 154 2.19 9.47 -15.41
CA PRO B 154 1.83 9.03 -14.04
C PRO B 154 1.82 7.51 -13.97
N GLU B 155 1.32 6.97 -12.86
CA GLU B 155 1.02 5.56 -12.77
C GLU B 155 -0.27 5.34 -13.59
N PRO B 156 -0.55 4.11 -14.08
CA PRO B 156 0.26 2.90 -13.94
C PRO B 156 1.15 2.52 -15.11
N VAL B 157 2.15 1.68 -14.79
CA VAL B 157 2.99 0.97 -15.75
C VAL B 157 2.71 -0.50 -15.43
N THR B 158 2.47 -1.33 -16.45
CA THR B 158 2.31 -2.76 -16.24
C THR B 158 3.43 -3.49 -16.96
N VAL B 159 3.86 -4.61 -16.40
CA VAL B 159 4.99 -5.37 -16.93
C VAL B 159 4.62 -6.85 -17.07
N THR B 160 5.02 -7.44 -18.19
CA THR B 160 4.91 -8.89 -18.41
C THR B 160 6.28 -9.36 -18.93
N TRP B 161 6.49 -10.67 -18.93
CA TRP B 161 7.72 -11.29 -19.41
C TRP B 161 7.34 -12.25 -20.53
N ASN B 162 8.00 -12.12 -21.69
CA ASN B 162 7.73 -12.93 -22.89
C ASN B 162 6.22 -12.93 -23.21
N SER B 163 5.60 -11.73 -23.17
CA SER B 163 4.19 -11.48 -23.47
C SER B 163 3.22 -12.30 -22.60
N GLY B 164 3.61 -12.53 -21.34
CA GLY B 164 2.79 -13.30 -20.41
C GLY B 164 3.11 -14.79 -20.35
N SER B 165 3.96 -15.28 -21.28
CA SER B 165 4.38 -16.70 -21.34
C SER B 165 5.28 -17.11 -20.17
N LEU B 166 6.04 -16.15 -19.61
CA LEU B 166 6.91 -16.35 -18.46
C LEU B 166 6.19 -15.67 -17.29
N SER B 167 5.38 -16.44 -16.54
CA SER B 167 4.57 -15.90 -15.44
C SER B 167 5.05 -16.36 -14.04
N SER B 168 5.67 -17.52 -13.97
CA SER B 168 6.20 -18.07 -12.72
C SER B 168 7.53 -17.40 -12.37
N GLY B 169 7.80 -17.24 -11.09
CA GLY B 169 9.05 -16.66 -10.62
C GLY B 169 9.22 -15.18 -10.93
N VAL B 170 8.10 -14.44 -11.07
CA VAL B 170 8.08 -13.01 -11.39
C VAL B 170 7.72 -12.20 -10.14
N HIS B 171 8.43 -11.09 -9.93
CA HIS B 171 8.08 -10.13 -8.88
C HIS B 171 8.05 -8.77 -9.55
N THR B 172 6.89 -8.13 -9.56
CA THR B 172 6.80 -6.77 -10.10
C THR B 172 6.51 -5.91 -8.90
N PHE B 173 7.42 -4.99 -8.62
CA PHE B 173 7.36 -4.16 -7.45
C PHE B 173 6.45 -2.95 -7.59
N PRO B 174 5.75 -2.52 -6.51
CA PRO B 174 4.96 -1.28 -6.61
C PRO B 174 5.83 -0.11 -7.00
N ALA B 175 5.27 0.78 -7.82
CA ALA B 175 5.98 1.98 -8.23
C ALA B 175 6.12 2.93 -7.04
N VAL B 176 7.19 3.70 -7.06
CA VAL B 176 7.49 4.67 -6.00
C VAL B 176 7.78 5.99 -6.68
N LEU B 177 7.13 7.07 -6.18
CA LEU B 177 7.38 8.41 -6.70
C LEU B 177 8.51 9.06 -5.90
N GLN B 178 9.57 9.52 -6.59
CA GLN B 178 10.70 10.16 -5.94
C GLN B 178 11.17 11.26 -6.89
N SER B 179 11.29 12.51 -6.37
CA SER B 179 11.65 13.72 -7.13
C SER B 179 10.76 13.90 -8.37
N ASP B 180 9.44 13.71 -8.16
CA ASP B 180 8.36 13.88 -9.11
C ASP B 180 8.47 12.96 -10.34
N LEU B 181 9.17 11.81 -10.21
CA LEU B 181 9.11 10.80 -11.30
C LEU B 181 9.01 9.44 -10.65
N TYR B 182 8.43 8.48 -11.36
CA TYR B 182 8.30 7.12 -10.80
C TYR B 182 9.41 6.17 -11.21
N THR B 183 9.69 5.21 -10.32
CA THR B 183 10.54 4.06 -10.64
C THR B 183 9.74 2.82 -10.32
N LEU B 184 9.82 1.85 -11.19
CA LEU B 184 9.24 0.54 -10.94
C LEU B 184 10.30 -0.47 -11.38
N SER B 185 10.30 -1.66 -10.80
CA SER B 185 11.21 -2.70 -11.26
C SER B 185 10.48 -4.02 -11.28
N SER B 186 10.99 -4.95 -12.08
CA SER B 186 10.41 -6.28 -12.17
C SER B 186 11.51 -7.27 -12.33
N SER B 187 11.43 -8.35 -11.57
CA SER B 187 12.43 -9.44 -11.68
C SER B 187 11.77 -10.70 -12.16
N VAL B 188 12.57 -11.58 -12.79
CA VAL B 188 12.14 -12.89 -13.26
C VAL B 188 13.26 -13.85 -12.98
N THR B 189 12.92 -15.04 -12.45
CA THR B 189 13.92 -16.05 -12.14
C THR B 189 13.71 -17.27 -13.01
N VAL B 190 14.78 -17.70 -13.69
CA VAL B 190 14.72 -18.85 -14.60
C VAL B 190 15.90 -19.80 -14.29
N PRO B 191 15.80 -21.11 -14.64
CA PRO B 191 16.98 -21.98 -14.43
C PRO B 191 18.18 -21.45 -15.20
N SER B 192 19.40 -21.49 -14.59
CA SER B 192 20.60 -20.94 -15.25
C SER B 192 20.88 -21.59 -16.60
N SER B 193 20.50 -22.86 -16.74
CA SER B 193 20.67 -23.65 -17.96
C SER B 193 19.85 -23.10 -19.14
N THR B 194 18.78 -22.34 -18.86
CA THR B 194 17.89 -21.78 -19.90
C THR B 194 18.28 -20.39 -20.41
N TRP B 195 19.30 -19.74 -19.81
CA TRP B 195 19.64 -18.39 -20.25
C TRP B 195 21.14 -18.26 -20.47
N PRO B 196 21.58 -17.72 -21.63
CA PRO B 196 20.82 -17.01 -22.67
C PRO B 196 20.15 -17.82 -23.80
N SER B 197 20.20 -19.16 -23.78
CA SER B 197 19.62 -19.97 -24.86
C SER B 197 18.13 -19.70 -25.12
N GLU B 198 17.32 -19.55 -24.03
CA GLU B 198 15.88 -19.22 -24.09
C GLU B 198 15.78 -17.74 -23.72
N THR B 199 15.39 -16.90 -24.70
CA THR B 199 15.36 -15.44 -24.57
C THR B 199 14.37 -14.97 -23.52
N VAL B 200 14.73 -13.89 -22.84
CA VAL B 200 13.92 -13.29 -21.78
C VAL B 200 13.76 -11.84 -22.14
N THR B 201 12.51 -11.40 -22.31
CA THR B 201 12.14 -10.03 -22.69
C THR B 201 11.05 -9.49 -21.78
N CYS B 202 11.22 -8.26 -21.26
CA CYS B 202 10.13 -7.65 -20.49
C CYS B 202 9.34 -6.77 -21.44
N ASN B 203 8.03 -6.76 -21.26
CA ASN B 203 7.14 -5.90 -22.02
C ASN B 203 6.53 -4.93 -21.04
N VAL B 204 6.80 -3.66 -21.28
CA VAL B 204 6.40 -2.56 -20.43
C VAL B 204 5.37 -1.66 -21.13
N ALA B 205 4.21 -1.59 -20.52
CA ALA B 205 3.10 -0.77 -21.01
C ALA B 205 2.92 0.44 -20.11
N HIS B 206 2.76 1.62 -20.73
CA HIS B 206 2.50 2.88 -20.03
C HIS B 206 1.36 3.53 -20.81
N PRO B 207 0.10 3.19 -20.51
CA PRO B 207 -1.00 3.74 -21.33
C PRO B 207 -1.08 5.27 -21.41
N ALA B 208 -0.71 6.00 -20.34
CA ALA B 208 -0.83 7.46 -20.32
C ALA B 208 -0.01 8.16 -21.40
N SER B 209 1.11 7.56 -21.78
CA SER B 209 2.01 8.10 -22.80
C SER B 209 1.91 7.30 -24.11
N SER B 210 0.90 6.41 -24.22
CA SER B 210 0.72 5.54 -25.40
C SER B 210 2.00 4.71 -25.71
N THR B 211 2.73 4.27 -24.65
CA THR B 211 3.99 3.50 -24.76
C THR B 211 3.73 2.03 -24.50
N LYS B 212 4.32 1.15 -25.30
CA LYS B 212 4.31 -0.30 -25.08
C LYS B 212 5.62 -0.78 -25.67
N VAL B 213 6.63 -1.01 -24.83
CA VAL B 213 7.97 -1.35 -25.34
C VAL B 213 8.50 -2.66 -24.81
N ASP B 214 9.39 -3.30 -25.58
CA ASP B 214 10.01 -4.55 -25.18
C ASP B 214 11.49 -4.34 -24.92
N LYS B 215 12.02 -4.97 -23.89
CA LYS B 215 13.46 -4.96 -23.63
C LYS B 215 13.97 -6.38 -23.46
N LYS B 216 14.79 -6.85 -24.42
CA LYS B 216 15.41 -8.17 -24.36
C LYS B 216 16.62 -8.07 -23.39
N ILE B 217 16.78 -9.07 -22.51
CA ILE B 217 17.89 -9.08 -21.56
C ILE B 217 18.97 -9.99 -22.13
N VAL B 218 20.14 -9.42 -22.40
CA VAL B 218 21.26 -10.17 -22.97
C VAL B 218 22.44 -10.21 -22.00
N PRO B 219 23.31 -11.26 -22.06
CA PRO B 219 24.45 -11.32 -21.14
C PRO B 219 25.38 -10.14 -21.31
N ARG B 220 26.00 -9.69 -20.21
CA ARG B 220 26.91 -8.55 -20.20
C ARG B 220 28.24 -8.85 -20.87
N SER C 2 -7.38 13.77 25.52
CA SER C 2 -6.44 13.13 24.61
C SER C 2 -7.22 12.23 23.64
N ASP C 3 -6.74 12.10 22.38
CA ASP C 3 -7.43 11.21 21.42
C ASP C 3 -7.31 9.78 21.92
N ILE C 4 -8.36 8.99 21.72
CA ILE C 4 -8.33 7.58 22.12
C ILE C 4 -7.37 6.85 21.21
N VAL C 5 -6.42 6.16 21.83
CA VAL C 5 -5.42 5.37 21.15
C VAL C 5 -5.85 3.94 21.19
N LEU C 6 -5.93 3.31 20.00
CA LEU C 6 -6.31 1.91 19.91
C LEU C 6 -5.06 1.17 19.50
N THR C 7 -4.65 0.23 20.33
CA THR C 7 -3.45 -0.56 20.07
C THR C 7 -3.86 -1.96 19.63
N GLN C 8 -3.38 -2.37 18.46
CA GLN C 8 -3.62 -3.69 17.92
C GLN C 8 -2.28 -4.43 17.99
N SER C 9 -2.17 -5.38 18.89
CA SER C 9 -0.90 -6.08 19.06
C SER C 9 -1.12 -7.56 19.29
N PRO C 10 -0.43 -8.49 18.55
CA PRO C 10 0.62 -8.27 17.54
C PRO C 10 0.19 -7.58 16.25
N ALA C 11 1.14 -6.88 15.63
CA ALA C 11 0.89 -6.17 14.37
C ALA C 11 0.76 -7.14 13.17
N THR C 12 1.30 -8.36 13.33
CA THR C 12 1.23 -9.41 12.30
C THR C 12 0.88 -10.74 12.96
N LEU C 13 -0.13 -11.43 12.41
CA LEU C 13 -0.49 -12.76 12.87
C LEU C 13 -0.30 -13.71 11.70
N SER C 14 0.51 -14.75 11.91
CA SER C 14 0.83 -15.70 10.82
C SER C 14 0.06 -16.97 11.06
N VAL C 15 -0.84 -17.35 10.14
CA VAL C 15 -1.65 -18.55 10.33
C VAL C 15 -1.76 -19.36 9.08
N THR C 16 -2.40 -20.53 9.20
CA THR C 16 -2.60 -21.40 8.06
C THR C 16 -4.12 -21.52 7.87
N PRO C 17 -4.66 -21.64 6.65
CA PRO C 17 -6.12 -21.77 6.52
C PRO C 17 -6.65 -22.93 7.37
N GLY C 18 -7.73 -22.67 8.09
CA GLY C 18 -8.37 -23.63 9.00
C GLY C 18 -8.07 -23.37 10.45
N ASP C 19 -7.06 -22.49 10.72
CA ASP C 19 -6.69 -22.16 12.08
C ASP C 19 -7.73 -21.28 12.72
N ARG C 20 -7.80 -21.31 14.04
CA ARG C 20 -8.69 -20.38 14.74
C ARG C 20 -7.83 -19.22 15.20
N VAL C 21 -8.26 -17.99 14.91
CA VAL C 21 -7.43 -16.84 15.27
C VAL C 21 -8.15 -15.80 16.07
N SER C 22 -7.41 -15.05 16.90
CA SER C 22 -7.98 -13.97 17.71
C SER C 22 -7.10 -12.75 17.54
N LEU C 23 -7.72 -11.60 17.30
CA LEU C 23 -7.00 -10.36 17.07
C LEU C 23 -7.40 -9.41 18.18
N SER C 24 -6.44 -8.70 18.75
CA SER C 24 -6.61 -7.83 19.90
C SER C 24 -6.66 -6.33 19.53
N CYS C 25 -7.56 -5.59 20.18
CA CYS C 25 -7.63 -4.14 20.05
C CYS C 25 -7.83 -3.61 21.45
N ARG C 26 -6.83 -2.86 21.97
CA ARG C 26 -6.85 -2.30 23.33
C ARG C 26 -6.98 -0.80 23.28
N ALA C 27 -7.90 -0.24 24.09
CA ALA C 27 -8.17 1.19 24.10
C ALA C 27 -7.44 1.86 25.25
N SER C 28 -7.02 3.09 25.05
CA SER C 28 -6.28 3.85 26.08
C SER C 28 -7.18 4.35 27.21
N GLN C 29 -8.50 4.42 26.94
CA GLN C 29 -9.51 4.78 27.93
C GLN C 29 -10.76 3.94 27.65
N GLY C 30 -11.57 3.72 28.68
CA GLY C 30 -12.80 2.95 28.55
C GLY C 30 -13.74 3.54 27.53
N ILE C 31 -14.20 2.70 26.59
CA ILE C 31 -15.09 3.11 25.50
C ILE C 31 -16.30 2.22 25.40
N TYR C 32 -16.66 1.55 26.54
CA TYR C 32 -17.85 0.71 26.65
C TYR C 32 -17.85 -0.33 25.53
N ASN C 33 -18.85 -0.36 24.64
CA ASN C 33 -18.89 -1.34 23.56
C ASN C 33 -18.67 -0.67 22.19
N TYR C 34 -18.14 0.57 22.19
CA TYR C 34 -18.11 1.36 20.94
C TYR C 34 -16.90 1.08 20.05
N VAL C 35 -16.70 -0.21 19.70
CA VAL C 35 -15.61 -0.64 18.82
C VAL C 35 -16.17 -1.39 17.62
N HIS C 36 -15.64 -1.11 16.44
CA HIS C 36 -16.07 -1.77 15.19
C HIS C 36 -14.85 -2.30 14.51
N TRP C 37 -15.02 -3.40 13.78
CA TRP C 37 -13.91 -4.05 13.08
C TRP C 37 -14.09 -4.01 11.60
N PHE C 38 -12.97 -3.78 10.88
CA PHE C 38 -12.96 -3.74 9.43
C PHE C 38 -11.89 -4.64 8.87
N GLN C 39 -12.17 -5.18 7.70
CA GLN C 39 -11.18 -5.94 6.89
C GLN C 39 -10.76 -4.96 5.80
N GLN C 40 -9.49 -5.01 5.41
CA GLN C 40 -9.02 -4.10 4.37
C GLN C 40 -7.95 -4.83 3.54
N LYS C 41 -8.13 -4.84 2.22
CA LYS C 41 -7.20 -5.48 1.29
C LYS C 41 -6.67 -4.47 0.31
N SER C 42 -5.37 -4.60 -0.06
CA SER C 42 -4.66 -3.70 -0.98
C SER C 42 -5.03 -2.21 -0.77
N HIS C 43 -5.64 -1.58 -1.78
CA HIS C 43 -6.10 -0.19 -1.68
C HIS C 43 -7.64 -0.15 -1.79
N GLU C 44 -8.30 -1.31 -1.56
CA GLU C 44 -9.77 -1.50 -1.64
C GLU C 44 -10.42 -0.91 -0.43
N SER C 45 -11.75 -0.75 -0.48
CA SER C 45 -12.47 -0.18 0.63
C SER C 45 -12.48 -1.08 1.84
N PRO C 46 -12.37 -0.46 3.02
CA PRO C 46 -12.54 -1.21 4.26
C PRO C 46 -13.94 -1.83 4.25
N ARG C 47 -14.05 -3.01 4.88
CA ARG C 47 -15.30 -3.74 4.94
C ARG C 47 -15.68 -3.99 6.39
N LEU C 48 -16.86 -3.53 6.77
CA LEU C 48 -17.34 -3.70 8.15
C LEU C 48 -17.67 -5.14 8.43
N LEU C 49 -17.04 -5.68 9.50
CA LEU C 49 -17.27 -7.09 9.89
C LEU C 49 -18.16 -7.22 11.09
N ILE C 50 -17.92 -6.37 12.12
CA ILE C 50 -18.56 -6.42 13.43
C ILE C 50 -18.72 -4.98 13.90
N LYS C 51 -19.87 -4.67 14.52
CA LYS C 51 -20.12 -3.35 15.05
C LYS C 51 -20.48 -3.48 16.53
N TYR C 52 -20.14 -2.46 17.29
CA TYR C 52 -20.40 -2.41 18.72
C TYR C 52 -19.91 -3.66 19.43
N ALA C 53 -18.61 -3.96 19.19
CA ALA C 53 -17.83 -5.05 19.76
C ALA C 53 -18.28 -6.43 19.39
N SER C 54 -19.60 -6.70 19.29
CA SER C 54 -20.07 -8.08 19.11
C SER C 54 -21.21 -8.28 18.13
N GLN C 55 -21.78 -7.17 17.62
CA GLN C 55 -22.94 -7.25 16.75
C GLN C 55 -22.58 -7.66 15.34
N SER C 56 -23.31 -8.67 14.84
CA SER C 56 -23.13 -9.18 13.49
C SER C 56 -23.66 -8.22 12.44
N ILE C 57 -23.12 -8.35 11.20
CA ILE C 57 -23.45 -7.52 10.03
C ILE C 57 -24.03 -8.43 8.96
N SER C 58 -25.16 -8.00 8.33
CA SER C 58 -25.77 -8.80 7.27
C SER C 58 -24.80 -9.09 6.12
N GLY C 59 -24.71 -10.36 5.77
CA GLY C 59 -23.84 -10.81 4.68
C GLY C 59 -22.45 -11.22 5.09
N ILE C 60 -22.05 -10.92 6.34
CA ILE C 60 -20.73 -11.28 6.82
C ILE C 60 -20.76 -12.74 7.27
N PRO C 61 -19.80 -13.57 6.80
CA PRO C 61 -19.80 -15.00 7.18
C PRO C 61 -19.76 -15.24 8.68
N SER C 62 -20.48 -16.28 9.18
CA SER C 62 -20.59 -16.61 10.59
C SER C 62 -19.25 -16.84 11.32
N ARG C 63 -18.16 -17.16 10.55
CA ARG C 63 -16.85 -17.44 11.16
C ARG C 63 -16.27 -16.19 11.88
N PHE C 64 -16.75 -14.98 11.54
CA PHE C 64 -16.27 -13.76 12.19
C PHE C 64 -17.16 -13.44 13.38
N SER C 65 -16.55 -13.23 14.53
CA SER C 65 -17.25 -12.80 15.73
C SER C 65 -16.37 -11.82 16.50
N GLY C 66 -17.00 -11.02 17.34
CA GLY C 66 -16.30 -10.08 18.18
C GLY C 66 -16.75 -10.19 19.62
N SER C 67 -15.88 -9.84 20.54
CA SER C 67 -16.18 -9.84 21.98
C SER C 67 -15.34 -8.78 22.68
N GLY C 68 -15.65 -8.52 23.93
CA GLY C 68 -14.90 -7.54 24.71
C GLY C 68 -15.73 -6.32 25.06
N SER C 69 -15.20 -5.45 25.92
CA SER C 69 -15.85 -4.24 26.40
C SER C 69 -14.83 -3.43 27.19
N GLY C 70 -15.12 -2.15 27.44
CA GLY C 70 -14.26 -1.29 28.24
C GLY C 70 -13.04 -0.87 27.46
N THR C 71 -11.90 -1.58 27.68
CA THR C 71 -10.65 -1.26 26.93
C THR C 71 -10.08 -2.46 26.19
N ASP C 72 -10.70 -3.67 26.34
CA ASP C 72 -10.15 -4.92 25.78
C ASP C 72 -11.11 -5.56 24.79
N PHE C 73 -10.74 -5.56 23.50
CA PHE C 73 -11.62 -6.06 22.47
C PHE C 73 -10.96 -7.15 21.66
N THR C 74 -11.77 -8.08 21.13
CA THR C 74 -11.22 -9.18 20.35
C THR C 74 -12.07 -9.49 19.13
N LEU C 75 -11.42 -9.65 17.97
CA LEU C 75 -12.04 -10.14 16.75
C LEU C 75 -11.56 -11.60 16.57
N SER C 76 -12.50 -12.54 16.42
CA SER C 76 -12.18 -13.95 16.22
C SER C 76 -12.59 -14.43 14.89
N ILE C 77 -11.74 -15.28 14.27
CA ILE C 77 -12.04 -15.94 13.03
C ILE C 77 -12.03 -17.44 13.37
N ASN C 78 -13.21 -18.05 13.27
CA ASN C 78 -13.42 -19.46 13.60
C ASN C 78 -13.21 -20.25 12.31
N SER C 79 -11.95 -20.58 12.06
CA SER C 79 -11.47 -21.33 10.91
C SER C 79 -11.25 -20.38 9.72
N VAL C 80 -10.00 -19.91 9.62
CA VAL C 80 -9.55 -18.98 8.60
C VAL C 80 -9.68 -19.55 7.22
N GLU C 81 -10.25 -18.76 6.31
CA GLU C 81 -10.40 -19.16 4.90
C GLU C 81 -9.37 -18.40 4.05
N SER C 82 -9.04 -18.91 2.85
CA SER C 82 -8.05 -18.23 1.99
C SER C 82 -8.39 -16.76 1.70
N GLU C 83 -9.69 -16.42 1.63
CA GLU C 83 -10.12 -15.04 1.34
C GLU C 83 -9.90 -14.07 2.52
N ASP C 84 -9.52 -14.58 3.70
CA ASP C 84 -9.42 -13.75 4.90
C ASP C 84 -8.11 -13.06 5.11
N PHE C 85 -7.08 -13.41 4.33
CA PHE C 85 -5.76 -12.80 4.52
C PHE C 85 -5.76 -11.36 4.04
N GLY C 86 -5.28 -10.46 4.89
CA GLY C 86 -5.28 -9.03 4.60
C GLY C 86 -5.16 -8.27 5.92
N MET C 87 -5.59 -7.01 5.94
CA MET C 87 -5.47 -6.16 7.13
C MET C 87 -6.76 -6.12 7.91
N TYR C 88 -6.66 -6.01 9.24
CA TYR C 88 -7.81 -5.90 10.12
C TYR C 88 -7.61 -4.68 10.98
N PHE C 89 -8.56 -3.73 10.94
CA PHE C 89 -8.46 -2.51 11.71
C PHE C 89 -9.63 -2.39 12.67
N CYS C 90 -9.35 -1.97 13.91
CA CYS C 90 -10.44 -1.65 14.83
C CYS C 90 -10.63 -0.15 14.80
N GLN C 91 -11.80 0.31 15.21
CA GLN C 91 -12.18 1.74 15.18
C GLN C 91 -13.06 2.00 16.38
N GLN C 92 -12.91 3.19 17.01
CA GLN C 92 -13.79 3.55 18.13
C GLN C 92 -14.65 4.73 17.73
N THR C 93 -15.92 4.75 18.19
CA THR C 93 -16.81 5.85 17.87
C THR C 93 -17.41 6.43 19.16
N ASN C 94 -16.77 6.16 20.30
CA ASN C 94 -17.30 6.66 21.59
C ASN C 94 -16.96 8.14 21.81
N LYS C 95 -15.79 8.60 21.33
CA LYS C 95 -15.38 9.98 21.56
C LYS C 95 -14.79 10.58 20.33
N TRP C 96 -14.92 11.90 20.23
CA TRP C 96 -14.27 12.65 19.16
C TRP C 96 -12.80 12.83 19.47
N PRO C 97 -11.93 12.78 18.46
CA PRO C 97 -12.24 12.38 17.08
C PRO C 97 -12.35 10.85 17.00
N LEU C 98 -13.09 10.34 16.01
CA LEU C 98 -13.16 8.89 15.81
C LEU C 98 -11.74 8.44 15.45
N THR C 99 -11.30 7.29 15.99
CA THR C 99 -9.93 6.82 15.75
C THR C 99 -9.87 5.37 15.36
N PHE C 100 -8.78 5.00 14.69
CA PHE C 100 -8.50 3.66 14.25
C PHE C 100 -7.26 3.16 14.96
N GLY C 101 -7.18 1.85 15.09
CA GLY C 101 -5.94 1.19 15.50
C GLY C 101 -5.00 1.15 14.30
N ALA C 102 -3.71 0.75 14.53
CA ALA C 102 -2.73 0.75 13.42
C ALA C 102 -2.84 -0.48 12.51
N GLY C 103 -3.72 -1.42 12.86
CA GLY C 103 -4.00 -2.62 12.09
C GLY C 103 -3.16 -3.82 12.42
N THR C 104 -3.74 -4.99 12.24
CA THR C 104 -3.03 -6.26 12.32
C THR C 104 -3.10 -6.86 10.94
N LYS C 105 -1.93 -7.29 10.43
CA LYS C 105 -1.86 -7.97 9.14
C LYS C 105 -2.07 -9.49 9.39
N LEU C 106 -3.07 -10.10 8.76
CA LEU C 106 -3.27 -11.54 8.86
C LEU C 106 -2.58 -12.11 7.65
N GLU C 107 -1.47 -12.81 7.86
CA GLU C 107 -0.68 -13.35 6.76
C GLU C 107 -0.62 -14.87 6.82
N LEU C 108 -0.18 -15.46 5.72
CA LEU C 108 -0.02 -16.89 5.58
C LEU C 108 1.31 -17.28 6.22
N LYS C 109 1.24 -18.28 7.10
CA LYS C 109 2.43 -18.78 7.76
C LYS C 109 3.17 -19.72 6.79
N ARG C 110 4.49 -19.65 6.82
CA ARG C 110 5.38 -20.57 6.13
C ARG C 110 6.72 -20.64 6.86
N ALA C 111 7.64 -21.46 6.35
CA ALA C 111 8.97 -21.60 6.94
C ALA C 111 9.84 -20.36 6.63
N ASP C 112 10.72 -19.97 7.57
CA ASP C 112 11.60 -18.84 7.32
C ASP C 112 12.51 -19.15 6.14
N ALA C 113 12.80 -18.11 5.37
CA ALA C 113 13.60 -18.20 4.16
C ALA C 113 14.46 -16.97 4.05
N ALA C 114 15.76 -17.17 3.84
CA ALA C 114 16.66 -16.02 3.65
C ALA C 114 16.42 -15.47 2.25
N PRO C 115 16.57 -14.15 2.05
CA PRO C 115 16.40 -13.60 0.70
C PRO C 115 17.44 -14.11 -0.28
N THR C 116 17.01 -14.24 -1.55
CA THR C 116 17.91 -14.55 -2.67
C THR C 116 18.28 -13.15 -3.13
N VAL C 117 19.55 -12.76 -2.95
CA VAL C 117 20.02 -11.40 -3.30
C VAL C 117 20.77 -11.40 -4.63
N SER C 118 20.38 -10.50 -5.54
CA SER C 118 21.04 -10.33 -6.83
C SER C 118 21.33 -8.88 -7.00
N ILE C 119 22.56 -8.56 -7.43
CA ILE C 119 22.99 -7.17 -7.67
C ILE C 119 23.27 -6.96 -9.14
N PHE C 120 22.92 -5.76 -9.65
CA PHE C 120 23.10 -5.44 -11.05
C PHE C 120 23.72 -4.09 -11.26
N PRO C 121 24.79 -4.04 -12.05
CA PRO C 121 25.38 -2.74 -12.39
C PRO C 121 24.45 -2.00 -13.35
N PRO C 122 24.72 -0.71 -13.56
CA PRO C 122 23.93 0.05 -14.56
C PRO C 122 24.08 -0.52 -15.94
N SER C 123 23.00 -0.42 -16.71
CA SER C 123 23.00 -0.83 -18.11
C SER C 123 23.80 0.16 -18.93
N SER C 124 24.28 -0.30 -20.06
CA SER C 124 24.97 0.66 -20.94
C SER C 124 23.99 1.71 -21.49
N GLU C 125 22.68 1.32 -21.72
CA GLU C 125 21.66 2.26 -22.19
C GLU C 125 21.51 3.42 -21.22
N GLN C 126 21.41 3.14 -19.90
CA GLN C 126 21.30 4.23 -18.93
C GLN C 126 22.57 5.07 -18.87
N LEU C 127 23.75 4.42 -18.95
CA LEU C 127 25.02 5.13 -18.87
C LEU C 127 25.18 6.15 -20.01
N THR C 128 24.72 5.76 -21.20
CA THR C 128 24.72 6.61 -22.41
C THR C 128 23.88 7.87 -22.14
N SER C 129 22.79 7.75 -21.36
CA SER C 129 21.92 8.88 -21.05
C SER C 129 22.43 9.75 -19.89
N GLY C 130 23.53 9.33 -19.27
CA GLY C 130 24.18 10.08 -18.21
C GLY C 130 23.80 9.70 -16.80
N GLY C 131 23.05 8.61 -16.68
CA GLY C 131 22.61 8.09 -15.39
C GLY C 131 23.25 6.77 -15.05
N ALA C 132 23.23 6.42 -13.75
CA ALA C 132 23.77 5.15 -13.30
C ALA C 132 22.96 4.60 -12.11
N SER C 133 22.10 3.61 -12.37
CA SER C 133 21.30 2.97 -11.31
C SER C 133 21.86 1.58 -11.04
N VAL C 134 22.07 1.28 -9.76
CA VAL C 134 22.56 -0.03 -9.33
C VAL C 134 21.36 -0.65 -8.59
N VAL C 135 20.96 -1.86 -8.98
CA VAL C 135 19.77 -2.52 -8.42
C VAL C 135 20.14 -3.74 -7.63
N CYS C 136 19.44 -3.92 -6.50
CA CYS C 136 19.53 -5.16 -5.75
C CYS C 136 18.13 -5.67 -5.56
N PHE C 137 17.89 -6.95 -5.92
CA PHE C 137 16.62 -7.60 -5.57
C PHE C 137 16.92 -8.48 -4.36
N LEU C 138 16.03 -8.50 -3.38
CA LEU C 138 16.14 -9.32 -2.16
C LEU C 138 14.85 -10.11 -2.23
N ASN C 139 14.90 -11.29 -2.85
CA ASN C 139 13.68 -11.98 -3.21
C ASN C 139 13.35 -13.23 -2.41
N ASN C 140 12.05 -13.48 -2.34
CA ASN C 140 11.42 -14.65 -1.73
C ASN C 140 11.93 -14.95 -0.34
N PHE C 141 11.81 -13.97 0.57
CA PHE C 141 12.22 -14.17 1.95
C PHE C 141 10.99 -14.23 2.85
N TYR C 142 11.21 -14.73 4.07
CA TYR C 142 10.14 -14.81 5.05
C TYR C 142 10.79 -14.93 6.42
N PRO C 143 10.36 -14.16 7.44
CA PRO C 143 9.23 -13.23 7.49
C PRO C 143 9.51 -11.90 6.78
N LYS C 144 8.54 -10.98 6.83
CA LYS C 144 8.58 -9.75 6.02
C LYS C 144 9.64 -8.72 6.40
N ASP C 145 10.05 -8.62 7.66
CA ASP C 145 10.97 -7.55 8.03
C ASP C 145 12.34 -7.76 7.45
N ILE C 146 12.90 -6.68 6.89
CA ILE C 146 14.22 -6.80 6.29
C ILE C 146 14.85 -5.43 6.23
N ASN C 147 16.17 -5.39 6.20
CA ASN C 147 16.89 -4.13 6.08
C ASN C 147 17.91 -4.25 4.95
N VAL C 148 18.04 -3.20 4.16
CA VAL C 148 19.08 -3.16 3.13
C VAL C 148 19.95 -1.93 3.41
N LYS C 149 21.27 -2.09 3.27
CA LYS C 149 22.23 -1.01 3.38
C LYS C 149 23.07 -1.06 2.14
N TRP C 150 23.33 0.12 1.55
CA TRP C 150 24.22 0.27 0.41
C TRP C 150 25.55 0.78 0.93
N LYS C 151 26.64 0.23 0.40
CA LYS C 151 28.00 0.68 0.69
C LYS C 151 28.67 0.90 -0.64
N ILE C 152 29.29 2.07 -0.79
CA ILE C 152 30.04 2.46 -2.00
C ILE C 152 31.48 2.66 -1.52
N ASP C 153 32.42 1.86 -2.06
CA ASP C 153 33.82 1.95 -1.60
C ASP C 153 33.89 1.83 -0.05
N GLY C 154 33.07 0.93 0.51
CA GLY C 154 33.04 0.62 1.93
C GLY C 154 32.34 1.63 2.81
N SER C 155 31.77 2.69 2.22
CA SER C 155 31.06 3.73 2.97
C SER C 155 29.57 3.65 2.78
N GLU C 156 28.81 3.67 3.89
CA GLU C 156 27.35 3.64 3.78
C GLU C 156 26.86 4.84 2.98
N ARG C 157 25.99 4.59 2.01
CA ARG C 157 25.33 5.62 1.20
C ARG C 157 23.83 5.51 1.34
N GLN C 158 23.17 6.60 1.73
CA GLN C 158 21.70 6.62 1.86
C GLN C 158 21.04 7.49 0.78
N ASN C 159 21.77 8.47 0.21
CA ASN C 159 21.25 9.35 -0.84
C ASN C 159 21.01 8.57 -2.13
N GLY C 160 19.92 8.87 -2.84
CA GLY C 160 19.64 8.24 -4.12
C GLY C 160 19.13 6.81 -4.06
N VAL C 161 18.68 6.34 -2.88
CA VAL C 161 18.17 4.98 -2.70
C VAL C 161 16.64 4.99 -2.78
N LEU C 162 16.09 4.08 -3.61
CA LEU C 162 14.64 3.92 -3.81
C LEU C 162 14.29 2.46 -3.51
N ASN C 163 13.44 2.27 -2.49
CA ASN C 163 13.03 0.94 -2.05
C ASN C 163 11.57 0.69 -2.35
N SER C 164 11.24 -0.55 -2.71
CA SER C 164 9.87 -0.96 -2.91
C SER C 164 9.72 -2.38 -2.39
N TRP C 165 8.55 -2.67 -1.82
CA TRP C 165 8.28 -3.99 -1.21
C TRP C 165 7.02 -4.58 -1.78
N THR C 166 7.05 -5.88 -2.05
CA THR C 166 5.86 -6.56 -2.53
C THR C 166 5.00 -6.99 -1.36
N ASP C 167 3.72 -7.24 -1.64
CA ASP C 167 2.83 -7.84 -0.66
C ASP C 167 3.18 -9.35 -0.64
N GLN C 168 2.62 -10.10 0.30
CA GLN C 168 2.88 -11.54 0.39
C GLN C 168 2.51 -12.24 -0.91
N ASP C 169 3.45 -12.97 -1.48
CA ASP C 169 3.31 -13.70 -2.76
C ASP C 169 2.17 -14.68 -2.66
N SER C 170 1.25 -14.64 -3.63
CA SER C 170 0.09 -15.53 -3.65
C SER C 170 0.45 -17.01 -3.89
N LYS C 171 1.62 -17.29 -4.46
CA LYS C 171 2.02 -18.67 -4.72
C LYS C 171 2.84 -19.29 -3.57
N ASP C 172 3.89 -18.60 -3.09
CA ASP C 172 4.75 -19.23 -2.09
C ASP C 172 4.77 -18.54 -0.70
N SER C 173 3.92 -17.53 -0.46
CA SER C 173 3.79 -16.89 0.86
C SER C 173 5.05 -16.12 1.29
N THR C 174 5.95 -15.80 0.33
CA THR C 174 7.17 -15.06 0.69
C THR C 174 6.96 -13.60 0.40
N TYR C 175 7.95 -12.78 0.76
CA TYR C 175 8.00 -11.34 0.51
C TYR C 175 9.25 -11.04 -0.34
N SER C 176 9.21 -9.96 -1.12
CA SER C 176 10.36 -9.53 -1.90
C SER C 176 10.57 -8.03 -1.76
N MET C 177 11.81 -7.58 -2.08
CA MET C 177 12.15 -6.16 -1.98
C MET C 177 13.07 -5.81 -3.13
N SER C 178 12.90 -4.59 -3.64
CA SER C 178 13.79 -4.07 -4.70
C SER C 178 14.41 -2.82 -4.15
N SER C 179 15.74 -2.66 -4.32
CA SER C 179 16.41 -1.43 -3.88
C SER C 179 17.27 -0.90 -5.00
N THR C 180 17.03 0.36 -5.39
CA THR C 180 17.77 0.97 -6.50
C THR C 180 18.55 2.17 -6.00
N LEU C 181 19.86 2.16 -6.23
CA LEU C 181 20.72 3.29 -5.88
C LEU C 181 21.05 4.02 -7.17
N THR C 182 20.61 5.28 -7.30
CA THR C 182 20.85 6.06 -8.53
C THR C 182 21.86 7.17 -8.30
N LEU C 183 22.86 7.22 -9.19
CA LEU C 183 23.94 8.20 -9.23
C LEU C 183 23.98 8.76 -10.63
N THR C 184 24.77 9.81 -10.84
CA THR C 184 25.03 10.27 -12.19
C THR C 184 26.10 9.33 -12.70
N LYS C 185 26.30 9.29 -14.02
CA LYS C 185 27.36 8.48 -14.58
C LYS C 185 28.71 9.00 -14.04
N ASP C 186 28.93 10.33 -13.98
CA ASP C 186 30.16 10.92 -13.44
C ASP C 186 30.44 10.43 -12.00
N GLU C 187 29.42 10.43 -11.10
CA GLU C 187 29.60 9.96 -9.71
C GLU C 187 29.87 8.46 -9.66
N TYR C 188 29.16 7.67 -10.49
CA TYR C 188 29.36 6.22 -10.56
C TYR C 188 30.83 5.86 -10.92
N GLU C 189 31.44 6.64 -11.81
CA GLU C 189 32.82 6.36 -12.25
C GLU C 189 33.88 6.79 -11.27
N ARG C 190 33.50 7.47 -10.18
CA ARG C 190 34.45 7.90 -9.14
C ARG C 190 34.64 6.83 -8.08
N HIS C 191 33.95 5.68 -8.23
CA HIS C 191 33.99 4.64 -7.22
C HIS C 191 34.13 3.28 -7.87
N ASN C 192 34.54 2.27 -7.09
CA ASN C 192 34.67 0.94 -7.66
C ASN C 192 33.68 -0.09 -7.07
N SER C 193 33.65 -0.24 -5.76
CA SER C 193 32.83 -1.26 -5.10
C SER C 193 31.42 -0.79 -4.80
N TYR C 194 30.42 -1.58 -5.22
CA TYR C 194 29.01 -1.28 -4.99
C TYR C 194 28.44 -2.47 -4.31
N THR C 195 28.00 -2.30 -3.07
CA THR C 195 27.53 -3.42 -2.24
C THR C 195 26.16 -3.20 -1.68
N CYS C 196 25.34 -4.24 -1.66
CA CYS C 196 24.10 -4.13 -0.94
C CYS C 196 24.12 -5.24 0.10
N GLU C 197 23.83 -4.88 1.34
CA GLU C 197 23.85 -5.80 2.47
C GLU C 197 22.44 -6.00 2.96
N ALA C 198 21.99 -7.26 2.99
CA ALA C 198 20.65 -7.56 3.44
C ALA C 198 20.70 -8.18 4.82
N THR C 199 19.97 -7.59 5.79
CA THR C 199 19.90 -8.11 7.16
C THR C 199 18.50 -8.65 7.35
N HIS C 200 18.40 -9.92 7.76
CA HIS C 200 17.12 -10.60 7.91
C HIS C 200 17.26 -11.57 9.08
N LYS C 201 16.15 -11.92 9.74
CA LYS C 201 16.18 -12.78 10.94
C LYS C 201 16.80 -14.16 10.72
N THR C 202 16.85 -14.63 9.45
CA THR C 202 17.41 -15.93 9.10
C THR C 202 18.89 -16.09 9.33
N SER C 203 19.64 -14.98 9.51
CA SER C 203 21.06 -15.15 9.81
C SER C 203 21.58 -14.01 10.69
N THR C 204 22.64 -14.31 11.45
CA THR C 204 23.33 -13.35 12.30
C THR C 204 24.27 -12.51 11.45
N SER C 205 24.50 -12.94 10.23
CA SER C 205 25.36 -12.23 9.29
C SER C 205 24.54 -11.71 8.13
N PRO C 206 24.78 -10.48 7.67
CA PRO C 206 24.06 -10.02 6.49
C PRO C 206 24.50 -10.79 5.26
N ILE C 207 23.61 -10.84 4.26
CA ILE C 207 23.96 -11.37 2.96
C ILE C 207 24.59 -10.18 2.23
N VAL C 208 25.84 -10.34 1.80
CA VAL C 208 26.61 -9.27 1.16
C VAL C 208 26.79 -9.57 -0.33
N LYS C 209 26.11 -8.80 -1.20
CA LYS C 209 26.29 -8.96 -2.67
C LYS C 209 26.95 -7.72 -3.18
N SER C 210 27.96 -7.89 -4.03
CA SER C 210 28.75 -6.76 -4.48
C SER C 210 29.30 -6.99 -5.86
N PHE C 211 29.72 -5.90 -6.47
CA PHE C 211 30.47 -5.97 -7.72
C PHE C 211 31.49 -4.86 -7.71
N ASN C 212 32.55 -5.03 -8.51
CA ASN C 212 33.56 -4.00 -8.71
C ASN C 212 33.39 -3.50 -10.13
N ARG C 213 33.12 -2.20 -10.27
CA ARG C 213 32.92 -1.55 -11.57
C ARG C 213 34.01 -1.89 -12.57
N ASN C 214 35.28 -1.89 -12.12
CA ASN C 214 36.42 -2.10 -13.02
C ASN C 214 36.64 -3.54 -13.45
N GLU C 215 35.81 -4.48 -12.94
CA GLU C 215 35.91 -5.90 -13.29
C GLU C 215 35.00 -6.24 -14.45
#